data_2CYB
#
_entry.id   2CYB
#
_cell.length_a   40.620
_cell.length_b   96.158
_cell.length_c   92.636
_cell.angle_alpha   90.00
_cell.angle_beta   94.41
_cell.angle_gamma   90.00
#
_symmetry.space_group_name_H-M   'P 1 21 1'
#
loop_
_entity.id
_entity.type
_entity.pdbx_description
1 polymer 'Tyrosyl-tRNA synthetase'
2 non-polymer TYROSINE
3 water water
#
_entity_poly.entity_id   1
_entity_poly.type   'polypeptide(L)'
_entity_poly.pdbx_seq_one_letter_code
;MDITEKLRLITRNAEEVVTEEELRQLIETKEKPRAYVGYEPSGEIHLGHMMTVQKLMDLQEAGFEIIVLLADIHAYLNEK
GTFEEIAEVADYNKKVFIALGLDESRAKFVLGSEYQLSRDYVLDVLKMARITTLNRARRSMDEVSRRKEDPMVSQMIYPL
MQALDIAHLGVDLAVGGIDQRKIHMLARENLPRLGYSSPVCLHTPILVGLDGQKMSSSKGNYISVRDPPEEVERKIRKAY
CPAGVVEENPILDIAKYHILPRFGKIVVERDAKFGGDVEYASFEELAEDFKSGQLHPLDLKIAVAKYLNMLLEDARKRLG
VSV
;
_entity_poly.pdbx_strand_id   A,B
#
# COMPACT_ATOMS: atom_id res chain seq x y z
N ASP A 2 -10.59 -0.37 -44.18
CA ASP A 2 -9.32 -0.83 -43.57
C ASP A 2 -9.58 -1.24 -42.13
N ILE A 3 -10.62 -0.67 -41.54
CA ILE A 3 -11.00 -0.98 -40.16
C ILE A 3 -11.04 -2.48 -39.96
N THR A 4 -11.64 -3.17 -40.93
CA THR A 4 -11.78 -4.61 -40.89
C THR A 4 -10.44 -5.35 -40.84
N GLU A 5 -9.48 -4.91 -41.65
CA GLU A 5 -8.18 -5.56 -41.67
C GLU A 5 -7.31 -5.23 -40.47
N LYS A 6 -7.47 -4.04 -39.91
CA LYS A 6 -6.67 -3.69 -38.75
C LYS A 6 -7.22 -4.40 -37.53
N LEU A 7 -8.53 -4.60 -37.53
CA LEU A 7 -9.19 -5.28 -36.43
C LEU A 7 -8.72 -6.74 -36.44
N ARG A 8 -8.59 -7.32 -37.63
CA ARG A 8 -8.14 -8.71 -37.77
C ARG A 8 -6.72 -8.87 -37.25
N LEU A 9 -5.86 -7.93 -37.61
CA LEU A 9 -4.46 -7.93 -37.20
C LEU A 9 -4.32 -7.71 -35.69
N ILE A 10 -5.08 -6.75 -35.17
CA ILE A 10 -5.03 -6.43 -33.75
C ILE A 10 -5.45 -7.60 -32.90
N THR A 11 -6.50 -8.29 -33.31
CA THR A 11 -6.99 -9.41 -32.53
C THR A 11 -6.34 -10.74 -32.83
N ARG A 12 -5.44 -10.76 -33.81
CA ARG A 12 -4.76 -12.01 -34.17
C ARG A 12 -4.02 -12.57 -32.96
N ASN A 13 -4.27 -13.84 -32.68
CA ASN A 13 -3.64 -14.52 -31.57
C ASN A 13 -3.96 -13.94 -30.20
N ALA A 14 -5.02 -13.16 -30.12
CA ALA A 14 -5.44 -12.61 -28.84
C ALA A 14 -6.43 -13.60 -28.26
N GLU A 15 -6.36 -13.81 -26.96
CA GLU A 15 -7.29 -14.75 -26.33
C GLU A 15 -8.61 -14.05 -26.00
N GLU A 16 -8.54 -12.77 -25.69
CA GLU A 16 -9.73 -12.02 -25.32
C GLU A 16 -9.55 -10.54 -25.58
N VAL A 17 -10.66 -9.87 -25.88
CA VAL A 17 -10.65 -8.43 -26.10
C VAL A 17 -11.83 -7.88 -25.29
N VAL A 18 -11.53 -6.91 -24.43
CA VAL A 18 -12.55 -6.30 -23.59
C VAL A 18 -12.65 -4.80 -23.88
N THR A 19 -13.57 -4.40 -24.75
CA THR A 19 -14.48 -5.33 -25.44
C THR A 19 -14.28 -5.13 -26.93
N GLU A 20 -14.78 -6.07 -27.73
CA GLU A 20 -14.66 -5.97 -29.19
C GLU A 20 -15.22 -4.66 -29.73
N GLU A 21 -16.45 -4.35 -29.33
CA GLU A 21 -17.11 -3.13 -29.79
C GLU A 21 -16.30 -1.89 -29.42
N GLU A 22 -15.82 -1.84 -28.19
CA GLU A 22 -15.02 -0.71 -27.71
C GLU A 22 -13.77 -0.56 -28.58
N LEU A 23 -13.15 -1.68 -28.92
CA LEU A 23 -11.96 -1.66 -29.75
C LEU A 23 -12.28 -1.08 -31.12
N ARG A 24 -13.41 -1.52 -31.68
CA ARG A 24 -13.82 -1.02 -32.99
C ARG A 24 -14.07 0.48 -32.93
N GLN A 25 -14.98 0.91 -32.06
CA GLN A 25 -15.27 2.33 -31.94
C GLN A 25 -14.03 3.14 -31.58
N LEU A 26 -13.07 2.52 -30.90
CA LEU A 26 -11.84 3.20 -30.53
C LEU A 26 -11.05 3.51 -31.80
N ILE A 27 -10.99 2.54 -32.71
CA ILE A 27 -10.26 2.72 -33.96
C ILE A 27 -10.96 3.77 -34.81
N GLU A 28 -12.28 3.87 -34.65
CA GLU A 28 -13.07 4.84 -35.38
C GLU A 28 -12.75 6.23 -34.85
N THR A 29 -13.38 6.59 -33.73
CA THR A 29 -13.13 7.88 -33.11
C THR A 29 -11.72 7.93 -32.56
N LYS A 30 -11.00 9.01 -32.84
CA LYS A 30 -9.62 9.18 -32.39
C LYS A 30 -8.69 8.35 -33.28
N GLU A 31 -8.18 8.98 -34.33
CA GLU A 31 -7.28 8.31 -35.26
C GLU A 31 -5.87 8.22 -34.70
N LYS A 32 -5.76 8.28 -33.39
CA LYS A 32 -4.45 8.20 -32.75
C LYS A 32 -4.52 7.41 -31.45
N PRO A 33 -4.92 6.12 -31.53
CA PRO A 33 -5.04 5.25 -30.36
C PRO A 33 -3.69 4.90 -29.76
N ARG A 34 -3.65 4.79 -28.43
CA ARG A 34 -2.41 4.47 -27.73
C ARG A 34 -2.56 3.16 -26.96
N ALA A 35 -1.57 2.28 -27.12
CA ALA A 35 -1.56 1.00 -26.43
C ALA A 35 -0.22 0.84 -25.74
N TYR A 36 -0.19 -0.01 -24.71
CA TYR A 36 1.05 -0.26 -23.99
C TYR A 36 1.03 -1.64 -23.37
N VAL A 37 2.21 -2.03 -22.89
CA VAL A 37 2.39 -3.26 -22.15
C VAL A 37 3.42 -2.85 -21.12
N GLY A 38 3.26 -3.36 -19.91
CA GLY A 38 4.22 -3.03 -18.87
C GLY A 38 4.99 -4.28 -18.56
N TYR A 39 6.27 -4.12 -18.24
CA TYR A 39 7.12 -5.26 -17.89
C TYR A 39 7.97 -5.01 -16.65
N GLU A 40 7.98 -5.96 -15.73
CA GLU A 40 8.86 -5.83 -14.56
C GLU A 40 10.23 -6.17 -15.17
N PRO A 41 11.23 -5.29 -15.00
CA PRO A 41 12.53 -5.62 -15.59
C PRO A 41 12.98 -7.03 -15.20
N SER A 42 13.33 -7.84 -16.19
CA SER A 42 13.77 -9.21 -15.96
C SER A 42 15.11 -9.50 -16.60
N GLY A 43 16.00 -10.14 -15.84
CA GLY A 43 17.31 -10.47 -16.36
C GLY A 43 17.22 -11.34 -17.60
N GLU A 44 16.12 -12.11 -17.70
CA GLU A 44 15.93 -12.99 -18.84
C GLU A 44 14.69 -12.66 -19.63
N ILE A 45 14.88 -12.26 -20.88
CA ILE A 45 13.76 -11.97 -21.77
C ILE A 45 13.53 -13.28 -22.50
N HIS A 46 12.30 -13.79 -22.49
CA HIS A 46 12.01 -15.06 -23.15
C HIS A 46 10.81 -15.00 -24.10
N LEU A 47 10.41 -16.16 -24.61
CA LEU A 47 9.30 -16.22 -25.55
C LEU A 47 8.03 -15.60 -24.99
N GLY A 48 7.87 -15.68 -23.67
CA GLY A 48 6.68 -15.10 -23.04
C GLY A 48 6.62 -13.60 -23.31
N HIS A 49 7.76 -12.93 -23.19
CA HIS A 49 7.83 -11.49 -23.44
C HIS A 49 7.55 -11.24 -24.91
N MET A 50 8.13 -12.07 -25.77
CA MET A 50 7.95 -11.94 -27.21
C MET A 50 6.50 -12.08 -27.62
N MET A 51 5.70 -12.70 -26.77
CA MET A 51 4.28 -12.89 -27.02
C MET A 51 3.60 -11.52 -27.08
N THR A 52 3.82 -10.71 -26.04
CA THR A 52 3.22 -9.38 -25.97
C THR A 52 3.97 -8.38 -26.83
N VAL A 53 5.25 -8.63 -27.05
CA VAL A 53 6.03 -7.72 -27.89
C VAL A 53 5.48 -7.81 -29.32
N GLN A 54 5.22 -9.03 -29.78
CA GLN A 54 4.69 -9.22 -31.12
C GLN A 54 3.35 -8.53 -31.27
N LYS A 55 2.53 -8.57 -30.22
CA LYS A 55 1.23 -7.91 -30.28
C LYS A 55 1.41 -6.40 -30.39
N LEU A 56 2.42 -5.85 -29.72
CA LEU A 56 2.66 -4.42 -29.81
C LEU A 56 3.08 -4.06 -31.24
N MET A 57 3.85 -4.93 -31.89
CA MET A 57 4.27 -4.68 -33.27
C MET A 57 3.06 -4.76 -34.20
N ASP A 58 2.12 -5.66 -33.89
CA ASP A 58 0.91 -5.76 -34.70
C ASP A 58 0.17 -4.44 -34.57
N LEU A 59 0.00 -3.98 -33.33
CA LEU A 59 -0.71 -2.72 -33.06
C LEU A 59 -0.07 -1.51 -33.72
N GLN A 60 1.26 -1.44 -33.69
CA GLN A 60 1.97 -0.34 -34.31
C GLN A 60 1.75 -0.39 -35.83
N GLU A 61 1.66 -1.60 -36.37
CA GLU A 61 1.43 -1.77 -37.80
C GLU A 61 0.01 -1.36 -38.15
N ALA A 62 -0.90 -1.46 -37.17
CA ALA A 62 -2.29 -1.09 -37.37
C ALA A 62 -2.54 0.39 -37.07
N GLY A 63 -1.47 1.15 -36.87
CA GLY A 63 -1.63 2.58 -36.62
C GLY A 63 -1.60 3.11 -35.19
N PHE A 64 -1.47 2.23 -34.21
CA PHE A 64 -1.44 2.65 -32.80
C PHE A 64 -0.12 3.28 -32.40
N GLU A 65 -0.20 4.13 -31.37
CA GLU A 65 0.98 4.77 -30.78
C GLU A 65 1.36 3.71 -29.75
N ILE A 66 2.64 3.41 -29.60
CA ILE A 66 3.06 2.37 -28.66
C ILE A 66 3.93 2.83 -27.50
N ILE A 67 3.55 2.43 -26.30
CA ILE A 67 4.33 2.75 -25.12
C ILE A 67 4.77 1.46 -24.46
N VAL A 68 6.04 1.38 -24.09
CA VAL A 68 6.54 0.20 -23.40
C VAL A 68 6.94 0.69 -22.02
N LEU A 69 6.28 0.18 -21.00
CA LEU A 69 6.58 0.57 -19.63
C LEU A 69 7.54 -0.39 -18.97
N LEU A 70 8.72 0.11 -18.64
CA LEU A 70 9.72 -0.67 -17.92
C LEU A 70 9.30 -0.35 -16.48
N ALA A 71 8.50 -1.23 -15.90
CA ALA A 71 7.97 -1.02 -14.56
C ALA A 71 8.94 -1.36 -13.44
N ASP A 72 9.94 -0.50 -13.23
CA ASP A 72 10.95 -0.76 -12.21
C ASP A 72 10.42 -0.77 -10.78
N ILE A 73 9.50 0.14 -10.47
CA ILE A 73 8.94 0.18 -9.12
C ILE A 73 8.12 -1.11 -8.89
N HIS A 74 7.36 -1.54 -9.90
CA HIS A 74 6.58 -2.77 -9.76
C HIS A 74 7.50 -3.96 -9.48
N ALA A 75 8.62 -4.01 -10.19
CA ALA A 75 9.59 -5.09 -10.02
C ALA A 75 10.08 -5.06 -8.57
N TYR A 76 10.29 -3.86 -8.05
CA TYR A 76 10.75 -3.74 -6.67
C TYR A 76 9.70 -4.26 -5.70
N LEU A 77 8.46 -3.83 -5.90
CA LEU A 77 7.35 -4.24 -5.04
C LEU A 77 7.11 -5.75 -5.09
N ASN A 78 7.45 -6.35 -6.21
CA ASN A 78 7.24 -7.79 -6.39
C ASN A 78 8.51 -8.59 -6.09
N GLU A 79 9.35 -8.01 -5.23
CA GLU A 79 10.59 -8.64 -4.76
C GLU A 79 11.58 -9.12 -5.81
N LYS A 80 11.83 -8.29 -6.83
CA LYS A 80 12.76 -8.66 -7.89
C LYS A 80 14.16 -8.10 -7.69
N GLY A 81 14.45 -7.60 -6.49
CA GLY A 81 15.78 -7.08 -6.21
C GLY A 81 15.83 -5.65 -5.69
N THR A 82 17.04 -5.12 -5.64
CA THR A 82 17.24 -3.76 -5.17
C THR A 82 16.96 -2.80 -6.31
N PHE A 83 16.76 -1.54 -5.97
CA PHE A 83 16.51 -0.54 -6.97
C PHE A 83 17.67 -0.48 -7.96
N GLU A 84 18.90 -0.64 -7.45
CA GLU A 84 20.07 -0.61 -8.32
C GLU A 84 20.07 -1.75 -9.32
N GLU A 85 19.84 -2.96 -8.84
CA GLU A 85 19.82 -4.13 -9.70
C GLU A 85 18.72 -3.99 -10.76
N ILE A 86 17.55 -3.51 -10.33
CA ILE A 86 16.43 -3.34 -11.24
C ILE A 86 16.70 -2.27 -12.30
N ALA A 87 17.42 -1.21 -11.91
CA ALA A 87 17.74 -0.13 -12.85
C ALA A 87 18.58 -0.67 -14.00
N GLU A 88 19.53 -1.55 -13.67
CA GLU A 88 20.43 -2.15 -14.66
C GLU A 88 19.69 -3.10 -15.59
N VAL A 89 18.81 -3.92 -15.03
CA VAL A 89 18.05 -4.85 -15.86
C VAL A 89 17.11 -4.07 -16.78
N ALA A 90 16.59 -2.96 -16.28
CA ALA A 90 15.70 -2.12 -17.07
C ALA A 90 16.36 -1.60 -18.33
N ASP A 91 17.62 -1.17 -18.21
CA ASP A 91 18.35 -0.66 -19.37
C ASP A 91 18.60 -1.78 -20.35
N TYR A 92 18.97 -2.94 -19.82
CA TYR A 92 19.22 -4.12 -20.64
C TYR A 92 17.95 -4.49 -21.39
N ASN A 93 16.82 -4.49 -20.69
CA ASN A 93 15.54 -4.83 -21.30
C ASN A 93 15.17 -3.89 -22.43
N LYS A 94 15.44 -2.59 -22.27
CA LYS A 94 15.12 -1.65 -23.33
C LYS A 94 15.90 -2.00 -24.59
N LYS A 95 17.16 -2.38 -24.43
CA LYS A 95 17.99 -2.75 -25.56
C LYS A 95 17.42 -3.95 -26.29
N VAL A 96 16.99 -4.95 -25.53
CA VAL A 96 16.42 -6.15 -26.13
C VAL A 96 15.14 -5.86 -26.88
N PHE A 97 14.20 -5.15 -26.23
CA PHE A 97 12.95 -4.83 -26.88
C PHE A 97 13.17 -4.10 -28.20
N ILE A 98 14.18 -3.24 -28.23
CA ILE A 98 14.51 -2.50 -29.45
C ILE A 98 15.01 -3.52 -30.47
N ALA A 99 15.96 -4.34 -30.04
CA ALA A 99 16.55 -5.37 -30.89
C ALA A 99 15.53 -6.36 -31.43
N LEU A 100 14.42 -6.55 -30.71
CA LEU A 100 13.37 -7.46 -31.14
C LEU A 100 12.45 -6.83 -32.17
N GLY A 101 12.63 -5.53 -32.41
CA GLY A 101 11.79 -4.86 -33.37
C GLY A 101 11.09 -3.61 -32.85
N LEU A 102 11.06 -3.44 -31.53
CA LEU A 102 10.42 -2.26 -30.96
C LEU A 102 11.39 -1.09 -30.90
N ASP A 103 11.87 -0.65 -32.06
CA ASP A 103 12.80 0.48 -32.13
C ASP A 103 12.16 1.76 -31.63
N GLU A 104 12.98 2.69 -31.17
CA GLU A 104 12.50 3.95 -30.62
C GLU A 104 11.77 4.89 -31.58
N SER A 105 11.56 4.45 -32.81
CA SER A 105 10.83 5.26 -33.78
C SER A 105 9.42 4.71 -33.86
N ARG A 106 9.24 3.49 -33.35
CA ARG A 106 7.94 2.82 -33.36
C ARG A 106 7.34 2.71 -31.96
N ALA A 107 8.17 2.85 -30.93
CA ALA A 107 7.69 2.75 -29.56
C ALA A 107 8.40 3.70 -28.59
N LYS A 108 7.65 4.17 -27.60
CA LYS A 108 8.20 5.09 -26.59
C LYS A 108 8.41 4.34 -25.29
N PHE A 109 9.66 4.26 -24.84
CA PHE A 109 9.99 3.58 -23.60
C PHE A 109 9.87 4.53 -22.42
N VAL A 110 9.20 4.07 -21.36
CA VAL A 110 9.02 4.87 -20.16
C VAL A 110 9.43 4.08 -18.92
N LEU A 111 10.14 4.75 -18.01
CA LEU A 111 10.55 4.11 -16.77
C LEU A 111 9.50 4.49 -15.73
N GLY A 112 8.94 3.49 -15.05
CA GLY A 112 7.92 3.77 -14.05
C GLY A 112 8.34 4.86 -13.07
N SER A 113 9.55 4.75 -12.54
CA SER A 113 10.03 5.74 -11.58
C SER A 113 10.00 7.17 -12.11
N GLU A 114 9.83 7.34 -13.42
CA GLU A 114 9.77 8.67 -14.03
C GLU A 114 8.56 9.50 -13.58
N TYR A 115 7.47 8.81 -13.22
CA TYR A 115 6.27 9.51 -12.80
C TYR A 115 5.52 8.87 -11.63
N GLN A 116 5.86 7.63 -11.28
CA GLN A 116 5.15 6.95 -10.19
C GLN A 116 5.43 7.46 -8.78
N LEU A 117 6.32 8.44 -8.63
CA LEU A 117 6.61 9.02 -7.32
C LEU A 117 6.15 10.47 -7.29
N SER A 118 5.53 10.92 -8.37
CA SER A 118 5.04 12.30 -8.45
C SER A 118 3.84 12.49 -7.53
N ARG A 119 3.64 13.72 -7.05
CA ARG A 119 2.54 14.01 -6.14
C ARG A 119 1.16 13.61 -6.67
N ASP A 120 0.89 13.92 -7.93
CA ASP A 120 -0.41 13.58 -8.51
C ASP A 120 -0.62 12.08 -8.60
N TYR A 121 0.45 11.35 -8.92
CA TYR A 121 0.32 9.90 -9.03
C TYR A 121 0.15 9.24 -7.66
N VAL A 122 0.93 9.67 -6.68
CA VAL A 122 0.82 9.08 -5.35
C VAL A 122 -0.56 9.37 -4.74
N LEU A 123 -1.08 10.56 -4.97
CA LEU A 123 -2.39 10.88 -4.44
C LEU A 123 -3.44 9.95 -5.06
N ASP A 124 -3.28 9.65 -6.36
CA ASP A 124 -4.22 8.74 -7.02
C ASP A 124 -4.13 7.34 -6.41
N VAL A 125 -2.92 6.93 -6.07
CA VAL A 125 -2.71 5.62 -5.46
C VAL A 125 -3.48 5.56 -4.14
N LEU A 126 -3.38 6.63 -3.36
CA LEU A 126 -4.09 6.67 -2.08
C LEU A 126 -5.61 6.61 -2.28
N LYS A 127 -6.10 7.30 -3.30
CA LYS A 127 -7.53 7.30 -3.60
C LYS A 127 -7.95 5.91 -4.05
N MET A 128 -7.16 5.31 -4.93
CA MET A 128 -7.44 3.95 -5.40
C MET A 128 -7.46 2.99 -4.21
N ALA A 129 -6.49 3.13 -3.31
CA ALA A 129 -6.43 2.26 -2.13
C ALA A 129 -7.63 2.41 -1.22
N ARG A 130 -8.14 3.64 -1.12
CA ARG A 130 -9.29 3.94 -0.28
C ARG A 130 -10.58 3.31 -0.81
N ILE A 131 -10.69 3.13 -2.12
CA ILE A 131 -11.91 2.55 -2.69
C ILE A 131 -11.78 1.09 -3.14
N THR A 132 -10.62 0.50 -2.93
CA THR A 132 -10.40 -0.89 -3.32
C THR A 132 -10.29 -1.81 -2.09
N THR A 133 -11.14 -2.82 -2.00
CA THR A 133 -11.04 -3.73 -0.86
C THR A 133 -9.74 -4.52 -0.95
N LEU A 134 -9.19 -4.89 0.21
CA LEU A 134 -7.98 -5.69 0.24
C LEU A 134 -8.27 -7.00 -0.51
N ASN A 135 -9.47 -7.53 -0.33
CA ASN A 135 -9.88 -8.77 -0.97
C ASN A 135 -9.73 -8.71 -2.50
N ARG A 136 -10.28 -7.66 -3.10
CA ARG A 136 -10.22 -7.49 -4.55
C ARG A 136 -8.77 -7.35 -5.02
N ALA A 137 -7.97 -6.59 -4.27
CA ALA A 137 -6.57 -6.39 -4.62
C ALA A 137 -5.79 -7.70 -4.53
N ARG A 138 -5.99 -8.42 -3.43
CA ARG A 138 -5.28 -9.67 -3.22
C ARG A 138 -5.64 -10.67 -4.32
N ARG A 139 -6.92 -10.78 -4.65
CA ARG A 139 -7.34 -11.70 -5.69
C ARG A 139 -6.80 -11.33 -7.08
N SER A 140 -6.65 -10.05 -7.36
CA SER A 140 -6.14 -9.63 -8.66
C SER A 140 -4.68 -10.06 -8.82
N MET A 141 -3.99 -10.24 -7.70
CA MET A 141 -2.58 -10.60 -7.73
C MET A 141 -2.27 -12.08 -7.63
N ASP A 142 -3.30 -12.92 -7.57
CA ASP A 142 -3.09 -14.36 -7.46
C ASP A 142 -2.12 -14.96 -8.47
N GLU A 143 -2.25 -14.56 -9.73
CA GLU A 143 -1.39 -15.09 -10.78
C GLU A 143 -0.23 -14.16 -11.13
N VAL A 144 -0.04 -13.10 -10.35
CA VAL A 144 1.01 -12.13 -10.62
C VAL A 144 2.06 -11.99 -9.52
N SER A 145 1.61 -12.03 -8.28
CA SER A 145 2.50 -11.90 -7.13
C SER A 145 3.53 -13.01 -7.02
N ARG A 146 4.74 -12.64 -6.64
CA ARG A 146 5.81 -13.60 -6.44
C ARG A 146 5.38 -14.47 -5.25
N ARG A 147 4.55 -13.90 -4.38
CA ARG A 147 4.05 -14.61 -3.20
C ARG A 147 2.54 -14.81 -3.25
N LYS A 148 2.11 -16.03 -3.55
CA LYS A 148 0.68 -16.33 -3.61
C LYS A 148 0.11 -16.33 -2.20
N GLU A 149 0.85 -16.93 -1.26
CA GLU A 149 0.41 -17.01 0.12
C GLU A 149 1.28 -16.06 0.94
N ASP A 150 0.71 -15.49 2.00
CA ASP A 150 1.43 -14.57 2.89
C ASP A 150 2.24 -13.52 2.11
N PRO A 151 1.56 -12.70 1.30
CA PRO A 151 2.25 -11.66 0.53
C PRO A 151 2.69 -10.46 1.37
N MET A 152 3.48 -9.59 0.76
CA MET A 152 3.94 -8.37 1.43
C MET A 152 2.91 -7.28 1.09
N VAL A 153 2.86 -6.22 1.90
CA VAL A 153 1.92 -5.15 1.60
C VAL A 153 2.24 -4.58 0.22
N SER A 154 3.51 -4.59 -0.16
CA SER A 154 3.92 -4.04 -1.45
C SER A 154 3.18 -4.72 -2.61
N GLN A 155 2.83 -5.99 -2.44
CA GLN A 155 2.15 -6.69 -3.52
C GLN A 155 0.66 -6.34 -3.59
N MET A 156 0.15 -5.67 -2.57
CA MET A 156 -1.24 -5.26 -2.56
C MET A 156 -1.39 -3.84 -3.13
N ILE A 157 -0.28 -3.10 -3.14
CA ILE A 157 -0.25 -1.75 -3.71
C ILE A 157 -0.05 -1.89 -5.22
N TYR A 158 0.75 -2.88 -5.61
CA TYR A 158 1.09 -3.20 -6.99
C TYR A 158 -0.06 -3.12 -8.02
N PRO A 159 -1.19 -3.81 -7.79
CA PRO A 159 -2.29 -3.73 -8.76
C PRO A 159 -2.89 -2.35 -8.93
N LEU A 160 -2.97 -1.59 -7.84
CA LEU A 160 -3.51 -0.24 -7.91
C LEU A 160 -2.64 0.62 -8.83
N MET A 161 -1.33 0.48 -8.69
CA MET A 161 -0.40 1.24 -9.49
C MET A 161 -0.45 0.84 -10.95
N GLN A 162 -0.64 -0.46 -11.21
CA GLN A 162 -0.73 -0.90 -12.59
C GLN A 162 -1.95 -0.26 -13.26
N ALA A 163 -3.07 -0.27 -12.54
CA ALA A 163 -4.29 0.32 -13.06
C ALA A 163 -4.05 1.81 -13.32
N LEU A 164 -3.38 2.49 -12.39
CA LEU A 164 -3.11 3.91 -12.57
C LEU A 164 -2.13 4.20 -13.71
N ASP A 165 -1.27 3.23 -14.03
CA ASP A 165 -0.32 3.45 -15.13
C ASP A 165 -1.10 3.67 -16.43
N ILE A 166 -2.22 2.97 -16.57
CA ILE A 166 -3.04 3.08 -17.78
C ILE A 166 -3.51 4.53 -17.95
N ALA A 167 -4.03 5.11 -16.87
CA ALA A 167 -4.50 6.49 -16.91
C ALA A 167 -3.38 7.52 -17.06
N HIS A 168 -2.33 7.38 -16.27
CA HIS A 168 -1.23 8.34 -16.34
C HIS A 168 -0.39 8.30 -17.61
N LEU A 169 -0.43 7.18 -18.34
CA LEU A 169 0.31 7.09 -19.60
C LEU A 169 -0.61 7.42 -20.78
N GLY A 170 -1.86 7.80 -20.48
CA GLY A 170 -2.81 8.15 -21.51
C GLY A 170 -3.07 6.99 -22.46
N VAL A 171 -3.16 5.79 -21.89
CA VAL A 171 -3.38 4.59 -22.67
C VAL A 171 -4.85 4.31 -22.97
N ASP A 172 -5.13 3.94 -24.21
CA ASP A 172 -6.49 3.63 -24.64
C ASP A 172 -6.70 2.13 -24.64
N LEU A 173 -5.63 1.39 -24.94
CA LEU A 173 -5.67 -0.07 -24.99
C LEU A 173 -4.58 -0.69 -24.13
N ALA A 174 -4.97 -1.38 -23.08
CA ALA A 174 -4.03 -2.05 -22.19
C ALA A 174 -3.82 -3.47 -22.70
N VAL A 175 -2.59 -3.81 -23.06
CA VAL A 175 -2.27 -5.13 -23.57
C VAL A 175 -1.49 -5.92 -22.51
N GLY A 176 -1.85 -7.19 -22.35
CA GLY A 176 -1.13 -8.01 -21.38
C GLY A 176 -1.60 -9.46 -21.45
N GLY A 177 -0.86 -10.34 -20.77
CA GLY A 177 -1.27 -11.73 -20.76
C GLY A 177 -2.60 -11.80 -20.05
N ILE A 178 -3.33 -12.89 -20.27
CA ILE A 178 -4.63 -13.09 -19.65
C ILE A 178 -4.51 -13.16 -18.12
N ASP A 179 -3.29 -13.35 -17.61
CA ASP A 179 -3.14 -13.38 -16.16
C ASP A 179 -3.22 -11.97 -15.55
N GLN A 180 -3.31 -10.97 -16.42
CA GLN A 180 -3.44 -9.58 -15.96
C GLN A 180 -4.93 -9.20 -15.95
N ARG A 181 -5.79 -10.15 -16.31
CA ARG A 181 -7.22 -9.87 -16.42
C ARG A 181 -7.88 -9.24 -15.22
N LYS A 182 -7.65 -9.78 -14.03
CA LYS A 182 -8.27 -9.23 -12.84
C LYS A 182 -7.80 -7.81 -12.55
N ILE A 183 -6.52 -7.54 -12.78
CA ILE A 183 -6.00 -6.21 -12.56
C ILE A 183 -6.66 -5.27 -13.57
N HIS A 184 -6.80 -5.72 -14.81
CA HIS A 184 -7.44 -4.88 -15.82
C HIS A 184 -8.92 -4.64 -15.50
N MET A 185 -9.60 -5.63 -14.93
CA MET A 185 -11.00 -5.40 -14.60
C MET A 185 -11.08 -4.38 -13.46
N LEU A 186 -10.14 -4.46 -12.52
CA LEU A 186 -10.10 -3.52 -11.41
C LEU A 186 -9.92 -2.11 -11.97
N ALA A 187 -9.07 -1.99 -12.99
CA ALA A 187 -8.82 -0.69 -13.62
C ALA A 187 -10.11 -0.17 -14.26
N ARG A 188 -10.77 -1.03 -15.04
CA ARG A 188 -12.01 -0.65 -15.72
C ARG A 188 -13.09 -0.19 -14.72
N GLU A 189 -13.12 -0.80 -13.55
CA GLU A 189 -14.13 -0.47 -12.55
C GLU A 189 -13.77 0.74 -11.67
N ASN A 190 -12.50 0.87 -11.31
CA ASN A 190 -12.05 1.95 -10.43
C ASN A 190 -11.56 3.24 -11.07
N LEU A 191 -10.93 3.17 -12.24
CA LEU A 191 -10.41 4.38 -12.87
C LEU A 191 -11.46 5.46 -13.08
N PRO A 192 -12.70 5.08 -13.47
CA PRO A 192 -13.69 6.13 -13.67
C PRO A 192 -13.98 6.91 -12.39
N ARG A 193 -13.85 6.23 -11.25
CA ARG A 193 -14.10 6.87 -9.96
C ARG A 193 -13.06 7.95 -9.66
N LEU A 194 -11.95 7.90 -10.39
CA LEU A 194 -10.90 8.89 -10.20
C LEU A 194 -10.89 9.88 -11.36
N GLY A 195 -11.95 9.84 -12.16
CA GLY A 195 -12.05 10.74 -13.29
C GLY A 195 -11.30 10.32 -14.55
N TYR A 196 -10.96 9.04 -14.66
CA TYR A 196 -10.27 8.55 -15.85
C TYR A 196 -11.15 7.59 -16.63
N SER A 197 -10.86 7.42 -17.91
CA SER A 197 -11.67 6.53 -18.73
C SER A 197 -11.34 5.05 -18.51
N SER A 198 -12.34 4.20 -18.73
CA SER A 198 -12.16 2.76 -18.59
C SER A 198 -11.40 2.33 -19.83
N PRO A 199 -10.28 1.61 -19.67
CA PRO A 199 -9.49 1.16 -20.82
C PRO A 199 -10.01 -0.06 -21.54
N VAL A 200 -9.70 -0.13 -22.83
CA VAL A 200 -10.04 -1.28 -23.64
C VAL A 200 -8.87 -2.20 -23.31
N CYS A 201 -9.13 -3.49 -23.17
CA CYS A 201 -8.07 -4.44 -22.86
C CYS A 201 -7.95 -5.57 -23.88
N LEU A 202 -6.71 -5.92 -24.22
CA LEU A 202 -6.44 -6.99 -25.16
C LEU A 202 -5.55 -7.99 -24.42
N HIS A 203 -6.04 -9.22 -24.27
CA HIS A 203 -5.27 -10.23 -23.55
C HIS A 203 -4.71 -11.33 -24.44
N THR A 204 -3.44 -11.65 -24.20
CA THR A 204 -2.78 -12.71 -24.96
C THR A 204 -2.81 -13.98 -24.11
N PRO A 205 -2.77 -15.15 -24.75
CA PRO A 205 -2.80 -16.38 -23.96
C PRO A 205 -1.49 -16.59 -23.19
N ILE A 206 -1.55 -17.39 -22.14
CA ILE A 206 -0.35 -17.67 -21.36
C ILE A 206 0.35 -18.88 -22.00
N LEU A 207 1.61 -18.71 -22.39
CA LEU A 207 2.36 -19.78 -23.02
C LEU A 207 2.79 -20.89 -22.06
N VAL A 208 2.44 -22.13 -22.39
CA VAL A 208 2.86 -23.23 -21.53
C VAL A 208 4.34 -23.45 -21.77
N GLY A 209 5.02 -24.05 -20.81
CA GLY A 209 6.44 -24.30 -20.95
C GLY A 209 6.74 -25.42 -21.94
N LEU A 210 8.00 -25.55 -22.31
CA LEU A 210 8.46 -26.56 -23.25
C LEU A 210 8.10 -28.00 -22.90
N ASP A 211 7.85 -28.26 -21.62
CA ASP A 211 7.48 -29.61 -21.17
C ASP A 211 5.97 -29.82 -21.14
N GLY A 212 5.20 -28.82 -21.55
CA GLY A 212 3.76 -28.94 -21.57
C GLY A 212 3.09 -28.51 -20.28
N GLN A 213 3.90 -28.04 -19.34
CA GLN A 213 3.38 -27.58 -18.06
C GLN A 213 3.61 -26.08 -17.91
N LYS A 214 3.17 -25.51 -16.78
CA LYS A 214 3.33 -24.09 -16.56
C LYS A 214 4.78 -23.64 -16.66
N MET A 215 5.02 -22.60 -17.43
CA MET A 215 6.36 -22.06 -17.62
C MET A 215 6.88 -21.61 -16.26
N SER A 216 8.10 -22.02 -15.93
CA SER A 216 8.70 -21.66 -14.64
C SER A 216 10.20 -21.38 -14.70
N SER A 217 10.59 -20.28 -14.09
CA SER A 217 12.00 -19.90 -14.05
C SER A 217 12.79 -21.03 -13.42
N SER A 218 12.13 -21.76 -12.52
CA SER A 218 12.75 -22.89 -11.84
C SER A 218 13.21 -23.96 -12.81
N LYS A 219 12.24 -24.67 -13.40
CA LYS A 219 12.53 -25.72 -14.36
C LYS A 219 13.40 -25.23 -15.52
N GLY A 220 13.09 -24.03 -15.99
CA GLY A 220 13.84 -23.48 -17.12
C GLY A 220 13.24 -24.03 -18.40
N ASN A 221 11.98 -24.44 -18.30
CA ASN A 221 11.25 -25.00 -19.42
C ASN A 221 10.77 -23.92 -20.39
N TYR A 222 11.69 -23.04 -20.78
CA TYR A 222 11.40 -21.95 -21.70
C TYR A 222 12.66 -21.55 -22.46
N ILE A 223 12.49 -20.80 -23.53
CA ILE A 223 13.61 -20.33 -24.34
C ILE A 223 13.86 -18.84 -24.14
N SER A 224 15.11 -18.48 -23.85
CA SER A 224 15.47 -17.09 -23.62
C SER A 224 16.14 -16.51 -24.87
N VAL A 225 16.05 -15.20 -25.03
CA VAL A 225 16.65 -14.54 -26.19
C VAL A 225 18.15 -14.64 -26.18
N ARG A 226 18.70 -15.14 -25.07
CA ARG A 226 20.14 -15.27 -24.94
C ARG A 226 20.62 -16.71 -25.18
N ASP A 227 19.68 -17.64 -25.31
CA ASP A 227 20.06 -19.02 -25.57
C ASP A 227 20.81 -19.15 -26.91
N PRO A 228 21.97 -19.81 -26.90
CA PRO A 228 22.73 -19.97 -28.15
C PRO A 228 22.02 -20.97 -29.07
N PRO A 229 22.25 -20.86 -30.38
CA PRO A 229 21.61 -21.76 -31.35
C PRO A 229 21.60 -23.23 -30.92
N GLU A 230 22.73 -23.69 -30.39
CA GLU A 230 22.83 -25.07 -29.93
C GLU A 230 21.86 -25.37 -28.80
N GLU A 231 21.74 -24.44 -27.86
CA GLU A 231 20.85 -24.61 -26.72
C GLU A 231 19.40 -24.58 -27.19
N VAL A 232 19.09 -23.68 -28.11
CA VAL A 232 17.73 -23.61 -28.64
C VAL A 232 17.36 -24.96 -29.26
N GLU A 233 18.28 -25.51 -30.03
CA GLU A 233 18.05 -26.80 -30.67
C GLU A 233 17.80 -27.89 -29.66
N ARG A 234 18.62 -27.92 -28.61
CA ARG A 234 18.48 -28.93 -27.57
C ARG A 234 17.12 -28.86 -26.85
N LYS A 235 16.71 -27.65 -26.45
CA LYS A 235 15.44 -27.46 -25.75
C LYS A 235 14.25 -27.86 -26.62
N ILE A 236 14.28 -27.49 -27.90
CA ILE A 236 13.19 -27.84 -28.81
C ILE A 236 13.18 -29.35 -29.02
N ARG A 237 14.36 -29.93 -29.24
CA ARG A 237 14.47 -31.36 -29.44
C ARG A 237 13.77 -32.18 -28.36
N LYS A 238 13.96 -31.81 -27.09
CA LYS A 238 13.32 -32.57 -26.02
C LYS A 238 11.99 -32.02 -25.55
N ALA A 239 11.48 -31.02 -26.25
CA ALA A 239 10.20 -30.43 -25.86
C ALA A 239 9.03 -31.39 -26.03
N TYR A 240 8.00 -31.17 -25.23
CA TYR A 240 6.79 -31.97 -25.29
C TYR A 240 6.08 -31.56 -26.58
N CYS A 241 5.75 -32.53 -27.43
CA CYS A 241 5.09 -32.26 -28.69
C CYS A 241 4.28 -33.45 -29.15
N PRO A 242 3.12 -33.69 -28.54
CA PRO A 242 2.24 -34.82 -28.88
C PRO A 242 1.77 -34.76 -30.33
N ALA A 243 2.00 -35.85 -31.05
CA ALA A 243 1.61 -35.92 -32.45
C ALA A 243 0.09 -35.74 -32.58
N GLY A 244 -0.33 -34.92 -33.53
CA GLY A 244 -1.75 -34.70 -33.76
C GLY A 244 -2.49 -33.89 -32.70
N VAL A 245 -1.75 -33.36 -31.72
CA VAL A 245 -2.36 -32.56 -30.66
C VAL A 245 -1.91 -31.12 -30.84
N VAL A 246 -2.86 -30.25 -31.17
CA VAL A 246 -2.54 -28.84 -31.41
C VAL A 246 -2.49 -27.94 -30.17
N GLU A 247 -3.51 -27.99 -29.33
CA GLU A 247 -3.54 -27.15 -28.15
C GLU A 247 -2.54 -27.59 -27.07
N GLU A 248 -1.97 -26.61 -26.38
CA GLU A 248 -0.99 -26.87 -25.33
C GLU A 248 0.27 -27.50 -25.91
N ASN A 249 0.43 -27.41 -27.23
CA ASN A 249 1.61 -27.96 -27.88
C ASN A 249 2.61 -26.81 -28.00
N PRO A 250 3.65 -26.82 -27.16
CA PRO A 250 4.72 -25.82 -27.09
C PRO A 250 5.37 -25.49 -28.43
N ILE A 251 5.60 -26.50 -29.25
CA ILE A 251 6.24 -26.28 -30.54
C ILE A 251 5.27 -25.61 -31.51
N LEU A 252 4.03 -26.08 -31.54
CA LEU A 252 3.03 -25.49 -32.41
C LEU A 252 2.81 -24.04 -31.99
N ASP A 253 2.88 -23.79 -30.69
CA ASP A 253 2.69 -22.44 -30.17
C ASP A 253 3.76 -21.50 -30.70
N ILE A 254 5.01 -21.96 -30.76
CA ILE A 254 6.07 -21.10 -31.26
C ILE A 254 5.79 -20.78 -32.73
N ALA A 255 5.30 -21.78 -33.47
CA ALA A 255 5.00 -21.54 -34.87
C ALA A 255 3.87 -20.52 -34.99
N LYS A 256 2.82 -20.73 -34.20
CA LYS A 256 1.65 -19.85 -34.22
C LYS A 256 1.89 -18.41 -33.75
N TYR A 257 2.54 -18.24 -32.62
CA TYR A 257 2.76 -16.92 -32.04
C TYR A 257 4.01 -16.14 -32.44
N HIS A 258 5.08 -16.84 -32.80
CA HIS A 258 6.31 -16.13 -33.15
C HIS A 258 6.76 -16.22 -34.61
N ILE A 259 6.80 -17.43 -35.15
CA ILE A 259 7.29 -17.61 -36.51
C ILE A 259 6.37 -17.11 -37.62
N LEU A 260 5.15 -17.62 -37.68
CA LEU A 260 4.24 -17.19 -38.75
C LEU A 260 3.97 -15.67 -38.74
N PRO A 261 3.73 -15.07 -37.56
CA PRO A 261 3.48 -13.64 -37.53
C PRO A 261 4.67 -12.82 -38.02
N ARG A 262 5.87 -13.33 -37.77
CA ARG A 262 7.08 -12.62 -38.17
C ARG A 262 7.59 -12.97 -39.56
N PHE A 263 7.47 -14.22 -39.97
CA PHE A 263 7.96 -14.61 -41.29
C PHE A 263 6.92 -14.69 -42.40
N GLY A 264 5.66 -14.89 -42.04
CA GLY A 264 4.63 -14.98 -43.06
C GLY A 264 4.31 -16.41 -43.47
N LYS A 265 5.34 -17.24 -43.46
CA LYS A 265 5.20 -18.64 -43.82
C LYS A 265 6.38 -19.39 -43.23
N ILE A 266 6.26 -20.70 -43.13
CA ILE A 266 7.36 -21.49 -42.59
C ILE A 266 7.60 -22.70 -43.47
N VAL A 267 8.85 -22.83 -43.93
CA VAL A 267 9.24 -23.94 -44.77
C VAL A 267 9.74 -25.07 -43.87
N VAL A 268 9.15 -26.24 -44.02
CA VAL A 268 9.56 -27.39 -43.23
C VAL A 268 10.29 -28.34 -44.15
N GLU A 269 11.62 -28.30 -44.12
CA GLU A 269 12.41 -29.18 -44.97
C GLU A 269 12.26 -30.61 -44.43
N ARG A 270 12.10 -31.57 -45.33
CA ARG A 270 11.94 -32.96 -44.93
C ARG A 270 12.57 -33.88 -45.97
N ASP A 271 12.95 -35.08 -45.54
CA ASP A 271 13.50 -36.04 -46.49
C ASP A 271 12.35 -36.44 -47.40
N ALA A 272 12.67 -36.88 -48.61
CA ALA A 272 11.64 -37.28 -49.56
C ALA A 272 10.75 -38.37 -48.98
N LYS A 273 11.36 -39.32 -48.26
CA LYS A 273 10.60 -40.41 -47.68
C LYS A 273 9.58 -39.99 -46.63
N PHE A 274 9.65 -38.75 -46.18
CA PHE A 274 8.69 -38.28 -45.19
C PHE A 274 7.77 -37.21 -45.78
N GLY A 275 7.84 -37.03 -47.10
CA GLY A 275 6.99 -36.07 -47.76
C GLY A 275 7.67 -34.96 -48.53
N GLY A 276 8.97 -34.77 -48.29
CA GLY A 276 9.69 -33.72 -48.98
C GLY A 276 9.40 -32.36 -48.36
N ASP A 277 10.15 -31.35 -48.77
CA ASP A 277 9.95 -30.01 -48.24
C ASP A 277 8.52 -29.54 -48.47
N VAL A 278 7.94 -28.93 -47.44
CA VAL A 278 6.59 -28.42 -47.54
C VAL A 278 6.58 -27.02 -46.93
N GLU A 279 5.73 -26.15 -47.48
CA GLU A 279 5.64 -24.78 -46.98
C GLU A 279 4.23 -24.50 -46.47
N TYR A 280 4.14 -23.82 -45.34
CA TYR A 280 2.84 -23.48 -44.78
C TYR A 280 2.70 -21.97 -44.74
N ALA A 281 1.64 -21.47 -45.36
CA ALA A 281 1.38 -20.04 -45.42
C ALA A 281 0.48 -19.56 -44.29
N SER A 282 -0.07 -20.48 -43.51
CA SER A 282 -0.92 -20.11 -42.40
C SER A 282 -0.82 -21.18 -41.32
N PHE A 283 -1.15 -20.80 -40.10
CA PHE A 283 -1.08 -21.76 -39.00
C PHE A 283 -2.15 -22.82 -39.13
N GLU A 284 -3.32 -22.43 -39.62
CA GLU A 284 -4.39 -23.39 -39.76
C GLU A 284 -3.99 -24.52 -40.72
N GLU A 285 -3.20 -24.18 -41.73
CA GLU A 285 -2.74 -25.18 -42.70
C GLU A 285 -1.76 -26.13 -42.00
N LEU A 286 -0.85 -25.55 -41.24
CA LEU A 286 0.15 -26.30 -40.50
C LEU A 286 -0.55 -27.19 -39.49
N ALA A 287 -1.43 -26.59 -38.68
CA ALA A 287 -2.15 -27.35 -37.67
C ALA A 287 -2.94 -28.49 -38.29
N GLU A 288 -3.58 -28.21 -39.42
CA GLU A 288 -4.38 -29.21 -40.12
C GLU A 288 -3.52 -30.42 -40.48
N ASP A 289 -2.33 -30.17 -41.02
CA ASP A 289 -1.42 -31.25 -41.39
C ASP A 289 -0.87 -31.97 -40.17
N PHE A 290 -0.72 -31.24 -39.08
CA PHE A 290 -0.21 -31.81 -37.84
C PHE A 290 -1.28 -32.71 -37.25
N LYS A 291 -2.51 -32.23 -37.28
CA LYS A 291 -3.64 -32.95 -36.74
C LYS A 291 -3.89 -34.24 -37.53
N SER A 292 -3.69 -34.19 -38.84
CA SER A 292 -3.91 -35.34 -39.71
C SER A 292 -2.76 -36.34 -39.74
N GLY A 293 -1.60 -35.93 -39.24
CA GLY A 293 -0.46 -36.82 -39.24
C GLY A 293 0.41 -36.66 -40.47
N GLN A 294 0.08 -35.68 -41.31
CA GLN A 294 0.88 -35.42 -42.51
C GLN A 294 2.18 -34.72 -42.12
N LEU A 295 2.14 -33.96 -41.04
CA LEU A 295 3.34 -33.26 -40.55
C LEU A 295 3.69 -33.90 -39.22
N HIS A 296 4.91 -34.45 -39.16
CA HIS A 296 5.37 -35.13 -37.96
C HIS A 296 6.15 -34.19 -37.04
N PRO A 297 6.01 -34.38 -35.71
CA PRO A 297 6.69 -33.58 -34.70
C PRO A 297 8.19 -33.39 -34.95
N LEU A 298 8.88 -34.45 -35.37
CA LEU A 298 10.30 -34.35 -35.61
C LEU A 298 10.68 -33.36 -36.70
N ASP A 299 9.91 -33.31 -37.78
CA ASP A 299 10.20 -32.37 -38.85
C ASP A 299 9.82 -30.96 -38.40
N LEU A 300 8.69 -30.83 -37.74
CA LEU A 300 8.26 -29.52 -37.27
C LEU A 300 9.30 -28.93 -36.31
N LYS A 301 9.77 -29.74 -35.36
CA LYS A 301 10.78 -29.28 -34.41
C LYS A 301 12.01 -28.70 -35.08
N ILE A 302 12.53 -29.41 -36.09
CA ILE A 302 13.72 -28.93 -36.79
C ILE A 302 13.46 -27.56 -37.41
N ALA A 303 12.31 -27.40 -38.04
CA ALA A 303 11.96 -26.14 -38.68
C ALA A 303 11.75 -25.02 -37.66
N VAL A 304 11.05 -25.33 -36.58
CA VAL A 304 10.81 -24.32 -35.54
C VAL A 304 12.13 -23.85 -34.94
N ALA A 305 13.05 -24.78 -34.70
CA ALA A 305 14.35 -24.43 -34.13
C ALA A 305 15.12 -23.53 -35.09
N LYS A 306 15.05 -23.85 -36.38
CA LYS A 306 15.77 -23.05 -37.38
C LYS A 306 15.23 -21.63 -37.49
N TYR A 307 13.92 -21.48 -37.55
CA TYR A 307 13.34 -20.15 -37.65
C TYR A 307 13.54 -19.35 -36.36
N LEU A 308 13.37 -20.01 -35.23
CA LEU A 308 13.55 -19.33 -33.96
C LEU A 308 15.00 -18.85 -33.86
N ASN A 309 15.93 -19.68 -34.30
CA ASN A 309 17.34 -19.29 -34.26
C ASN A 309 17.63 -18.12 -35.19
N MET A 310 16.90 -18.03 -36.30
CA MET A 310 17.09 -16.92 -37.22
C MET A 310 16.60 -15.66 -36.53
N LEU A 311 15.48 -15.80 -35.83
CA LEU A 311 14.85 -14.70 -35.11
C LEU A 311 15.79 -14.13 -34.04
N LEU A 312 16.33 -15.01 -33.20
CA LEU A 312 17.23 -14.61 -32.13
C LEU A 312 18.58 -14.14 -32.63
N GLU A 313 19.10 -14.81 -33.66
CA GLU A 313 20.39 -14.41 -34.22
C GLU A 313 20.30 -12.98 -34.70
N ASP A 314 19.22 -12.67 -35.43
CA ASP A 314 19.01 -11.33 -35.94
C ASP A 314 18.88 -10.36 -34.76
N ALA A 315 18.20 -10.80 -33.70
CA ALA A 315 18.00 -9.96 -32.53
C ALA A 315 19.35 -9.60 -31.92
N ARG A 316 20.21 -10.60 -31.75
CA ARG A 316 21.53 -10.36 -31.20
C ARG A 316 22.35 -9.46 -32.11
N LYS A 317 22.19 -9.65 -33.41
CA LYS A 317 22.89 -8.83 -34.41
C LYS A 317 22.56 -7.36 -34.18
N ARG A 318 21.27 -7.05 -34.03
CA ARG A 318 20.84 -5.68 -33.79
C ARG A 318 21.31 -5.24 -32.42
N LEU A 319 21.17 -6.13 -31.46
CA LEU A 319 21.58 -5.88 -30.08
C LEU A 319 23.04 -5.51 -30.03
N GLY A 320 23.77 -5.80 -31.10
CA GLY A 320 25.18 -5.50 -31.16
C GLY A 320 25.94 -6.06 -29.98
N MET B 1 14.96 20.20 36.38
CA MET B 1 14.81 18.99 37.24
C MET B 1 15.90 17.96 36.94
N ASP B 2 16.10 17.03 37.85
CA ASP B 2 17.11 16.00 37.65
C ASP B 2 16.48 14.87 36.86
N ILE B 3 17.29 13.88 36.50
CA ILE B 3 16.82 12.75 35.70
C ILE B 3 15.68 11.98 36.39
N THR B 4 15.77 11.83 37.71
CA THR B 4 14.74 11.13 38.48
C THR B 4 13.38 11.79 38.37
N GLU B 5 13.34 13.11 38.52
CA GLU B 5 12.07 13.83 38.43
C GLU B 5 11.52 13.74 37.02
N LYS B 6 12.42 13.83 36.03
CA LYS B 6 12.00 13.75 34.64
C LYS B 6 11.37 12.38 34.34
N LEU B 7 12.01 11.30 34.81
CA LEU B 7 11.47 9.97 34.56
C LEU B 7 10.13 9.76 35.25
N ARG B 8 10.00 10.29 36.47
CA ARG B 8 8.74 10.16 37.22
C ARG B 8 7.62 10.88 36.46
N LEU B 9 7.91 12.10 36.01
CA LEU B 9 6.94 12.89 35.26
C LEU B 9 6.54 12.21 33.95
N ILE B 10 7.54 11.73 33.22
CA ILE B 10 7.30 11.09 31.93
C ILE B 10 6.51 9.79 32.03
N THR B 11 6.92 8.91 32.93
CA THR B 11 6.25 7.61 33.06
C THR B 11 4.96 7.64 33.86
N ARG B 12 4.68 8.75 34.54
CA ARG B 12 3.45 8.87 35.33
C ARG B 12 2.25 8.55 34.46
N ASN B 13 1.38 7.67 34.97
CA ASN B 13 0.17 7.29 34.27
C ASN B 13 0.35 6.58 32.94
N ALA B 14 1.55 6.06 32.68
CA ALA B 14 1.76 5.32 31.46
C ALA B 14 1.45 3.85 31.71
N GLU B 15 0.86 3.18 30.74
CA GLU B 15 0.58 1.76 30.93
C GLU B 15 1.85 0.97 30.61
N GLU B 16 2.64 1.48 29.66
CA GLU B 16 3.85 0.79 29.28
C GLU B 16 4.90 1.74 28.71
N VAL B 17 6.17 1.43 28.97
CA VAL B 17 7.25 2.24 28.42
C VAL B 17 8.19 1.24 27.76
N VAL B 18 8.42 1.40 26.46
CA VAL B 18 9.30 0.50 25.72
C VAL B 18 10.52 1.25 25.18
N THR B 19 11.63 1.25 25.92
CA THR B 19 11.74 0.61 27.22
C THR B 19 12.25 1.70 28.16
N GLU B 20 12.12 1.48 29.46
CA GLU B 20 12.57 2.51 30.40
C GLU B 20 14.08 2.74 30.29
N GLU B 21 14.83 1.69 30.02
CA GLU B 21 16.28 1.81 29.90
C GLU B 21 16.62 2.74 28.75
N GLU B 22 15.95 2.56 27.62
CA GLU B 22 16.19 3.40 26.45
C GLU B 22 15.77 4.84 26.73
N LEU B 23 14.67 5.02 27.47
CA LEU B 23 14.20 6.35 27.82
C LEU B 23 15.24 7.12 28.65
N ARG B 24 15.79 6.48 29.67
CA ARG B 24 16.78 7.13 30.53
C ARG B 24 17.98 7.59 29.68
N GLN B 25 18.47 6.70 28.83
CA GLN B 25 19.61 6.97 27.96
C GLN B 25 19.32 8.12 27.00
N LEU B 26 18.10 8.16 26.48
CA LEU B 26 17.71 9.22 25.56
C LEU B 26 17.80 10.57 26.26
N ILE B 27 17.27 10.64 27.47
CA ILE B 27 17.27 11.88 28.24
C ILE B 27 18.67 12.28 28.65
N GLU B 28 19.48 11.29 29.01
CA GLU B 28 20.86 11.57 29.43
C GLU B 28 21.80 11.92 28.28
N THR B 29 21.44 11.58 27.05
CA THR B 29 22.32 11.85 25.93
C THR B 29 21.88 12.91 24.93
N LYS B 30 20.59 13.20 24.86
CA LYS B 30 20.13 14.19 23.92
C LYS B 30 19.61 15.45 24.60
N GLU B 31 20.07 16.60 24.12
CA GLU B 31 19.71 17.91 24.65
C GLU B 31 18.21 18.21 24.53
N LYS B 32 17.67 18.01 23.34
CA LYS B 32 16.24 18.26 23.13
C LYS B 32 15.61 17.05 22.45
N PRO B 33 15.35 15.99 23.22
CA PRO B 33 14.73 14.80 22.62
C PRO B 33 13.37 15.23 22.11
N ARG B 34 12.85 14.52 21.10
CA ARG B 34 11.58 14.89 20.50
C ARG B 34 10.53 13.78 20.67
N ALA B 35 9.32 14.18 21.04
CA ALA B 35 8.21 13.22 21.20
C ALA B 35 7.04 13.72 20.37
N TYR B 36 6.11 12.83 20.02
CA TYR B 36 4.93 13.27 19.28
C TYR B 36 3.78 12.33 19.57
N VAL B 37 2.60 12.76 19.14
CA VAL B 37 1.39 11.96 19.19
C VAL B 37 0.73 12.33 17.88
N GLY B 38 0.16 11.33 17.22
CA GLY B 38 -0.54 11.58 15.98
C GLY B 38 -2.03 11.43 16.24
N TYR B 39 -2.84 12.25 15.59
CA TYR B 39 -4.30 12.17 15.73
C TYR B 39 -5.02 12.25 14.40
N GLU B 40 -5.94 11.32 14.13
CA GLU B 40 -6.73 11.43 12.90
C GLU B 40 -7.70 12.55 13.27
N PRO B 41 -7.82 13.59 12.44
CA PRO B 41 -8.74 14.68 12.75
C PRO B 41 -10.14 14.16 13.09
N SER B 42 -10.70 14.62 14.20
CA SER B 42 -12.03 14.18 14.61
C SER B 42 -12.96 15.33 14.99
N GLY B 43 -14.23 15.17 14.64
CA GLY B 43 -15.22 16.20 14.93
C GLY B 43 -15.38 16.45 16.42
N GLU B 44 -15.14 15.43 17.23
CA GLU B 44 -15.26 15.57 18.66
C GLU B 44 -13.99 15.22 19.40
N ILE B 45 -13.48 16.18 20.15
CA ILE B 45 -12.30 15.97 20.97
C ILE B 45 -12.87 15.68 22.36
N HIS B 46 -12.39 14.61 22.98
CA HIS B 46 -12.91 14.22 24.28
C HIS B 46 -11.81 13.86 25.27
N LEU B 47 -12.20 13.42 26.46
CA LEU B 47 -11.24 13.07 27.49
C LEU B 47 -10.16 12.09 27.04
N GLY B 48 -10.47 11.26 26.03
CA GLY B 48 -9.51 10.30 25.53
C GLY B 48 -8.35 11.05 24.89
N HIS B 49 -8.66 12.11 24.16
CA HIS B 49 -7.61 12.91 23.53
C HIS B 49 -6.84 13.66 24.60
N MET B 50 -7.56 14.13 25.61
CA MET B 50 -6.95 14.91 26.67
C MET B 50 -5.95 14.07 27.46
N MET B 51 -6.09 12.75 27.38
CA MET B 51 -5.18 11.83 28.04
C MET B 51 -3.77 11.95 27.44
N THR B 52 -3.67 11.89 26.11
CA THR B 52 -2.37 12.01 25.48
C THR B 52 -1.88 13.45 25.44
N VAL B 53 -2.82 14.40 25.50
CA VAL B 53 -2.44 15.80 25.53
C VAL B 53 -1.70 16.05 26.86
N GLN B 54 -2.25 15.53 27.95
CA GLN B 54 -1.60 15.69 29.25
C GLN B 54 -0.21 15.04 29.24
N LYS B 55 -0.06 13.90 28.57
CA LYS B 55 1.24 13.25 28.56
C LYS B 55 2.26 14.11 27.79
N LEU B 56 1.80 14.75 26.72
CA LEU B 56 2.70 15.63 25.94
C LEU B 56 3.11 16.81 26.82
N MET B 57 2.18 17.31 27.64
CA MET B 57 2.51 18.41 28.54
C MET B 57 3.58 17.97 29.54
N ASP B 58 3.45 16.74 30.05
CA ASP B 58 4.43 16.19 30.99
C ASP B 58 5.81 16.10 30.31
N LEU B 59 5.83 15.61 29.07
CA LEU B 59 7.08 15.46 28.35
C LEU B 59 7.72 16.82 28.09
N GLN B 60 6.91 17.83 27.77
CA GLN B 60 7.43 19.17 27.51
C GLN B 60 8.04 19.72 28.81
N GLU B 61 7.37 19.49 29.93
CA GLU B 61 7.86 19.95 31.22
C GLU B 61 9.21 19.28 31.52
N ALA B 62 9.40 18.07 30.99
CA ALA B 62 10.64 17.33 31.20
C ALA B 62 11.74 17.71 30.20
N GLY B 63 11.48 18.69 29.35
CA GLY B 63 12.50 19.12 28.40
C GLY B 63 12.40 18.59 26.98
N PHE B 64 11.36 17.81 26.69
CA PHE B 64 11.20 17.29 25.34
C PHE B 64 10.54 18.34 24.45
N GLU B 65 10.85 18.27 23.16
CA GLU B 65 10.19 19.12 22.20
C GLU B 65 8.98 18.25 21.87
N ILE B 66 7.81 18.84 21.76
CA ILE B 66 6.64 18.04 21.47
C ILE B 66 5.98 18.43 20.15
N ILE B 67 5.63 17.40 19.39
CA ILE B 67 5.00 17.62 18.11
C ILE B 67 3.61 16.99 18.11
N VAL B 68 2.64 17.71 17.56
CA VAL B 68 1.29 17.18 17.41
C VAL B 68 1.09 17.00 15.91
N LEU B 69 0.95 15.74 15.50
CA LEU B 69 0.72 15.46 14.10
C LEU B 69 -0.77 15.35 13.84
N LEU B 70 -1.28 16.22 12.98
CA LEU B 70 -2.69 16.21 12.56
C LEU B 70 -2.60 15.31 11.36
N ALA B 71 -2.98 14.04 11.56
CA ALA B 71 -2.82 13.03 10.54
C ALA B 71 -3.97 12.99 9.56
N ASP B 72 -4.05 14.01 8.71
CA ASP B 72 -5.13 14.10 7.75
C ASP B 72 -5.17 12.99 6.70
N ILE B 73 -4.01 12.61 6.16
CA ILE B 73 -3.98 11.54 5.16
C ILE B 73 -4.44 10.23 5.84
N HIS B 74 -3.98 10.01 7.07
CA HIS B 74 -4.34 8.79 7.80
C HIS B 74 -5.87 8.72 7.99
N ALA B 75 -6.47 9.85 8.32
CA ALA B 75 -7.92 9.90 8.51
C ALA B 75 -8.61 9.52 7.19
N TYR B 76 -8.08 10.00 6.07
CA TYR B 76 -8.64 9.68 4.78
C TYR B 76 -8.54 8.18 4.49
N LEU B 77 -7.36 7.61 4.77
CA LEU B 77 -7.14 6.19 4.54
C LEU B 77 -8.01 5.33 5.44
N ASN B 78 -8.36 5.86 6.60
CA ASN B 78 -9.18 5.12 7.56
C ASN B 78 -10.65 5.52 7.47
N GLU B 79 -11.03 5.95 6.26
CA GLU B 79 -12.41 6.32 5.91
C GLU B 79 -13.13 7.36 6.76
N LYS B 80 -12.44 8.42 7.12
CA LYS B 80 -13.07 9.45 7.93
C LYS B 80 -13.75 10.55 7.08
N GLY B 81 -13.73 10.40 5.77
CA GLY B 81 -14.37 11.40 4.92
C GLY B 81 -13.57 11.85 3.71
N THR B 82 -14.07 12.88 3.03
CA THR B 82 -13.38 13.41 1.86
C THR B 82 -12.21 14.25 2.36
N PHE B 83 -11.28 14.56 1.47
CA PHE B 83 -10.14 15.39 1.88
C PHE B 83 -10.64 16.75 2.35
N GLU B 84 -11.67 17.26 1.67
CA GLU B 84 -12.25 18.55 2.01
C GLU B 84 -12.78 18.58 3.45
N GLU B 85 -13.55 17.56 3.81
CA GLU B 85 -14.13 17.47 5.14
C GLU B 85 -13.04 17.33 6.20
N ILE B 86 -12.08 16.46 5.93
CA ILE B 86 -10.98 16.21 6.88
C ILE B 86 -10.14 17.46 7.09
N ALA B 87 -9.94 18.25 6.04
CA ALA B 87 -9.16 19.47 6.16
C ALA B 87 -9.80 20.44 7.15
N GLU B 88 -11.13 20.56 7.09
CA GLU B 88 -11.84 21.46 7.98
C GLU B 88 -11.75 20.95 9.42
N VAL B 89 -11.90 19.64 9.60
CA VAL B 89 -11.79 19.07 10.94
C VAL B 89 -10.37 19.26 11.49
N ALA B 90 -9.37 19.11 10.63
CA ALA B 90 -7.98 19.28 11.07
C ALA B 90 -7.77 20.69 11.62
N ASP B 91 -8.27 21.69 10.90
CA ASP B 91 -8.17 23.09 11.32
C ASP B 91 -8.85 23.25 12.69
N TYR B 92 -10.03 22.67 12.84
CA TYR B 92 -10.76 22.76 14.09
C TYR B 92 -9.99 22.09 15.24
N ASN B 93 -9.50 20.87 15.02
CA ASN B 93 -8.74 20.12 16.03
C ASN B 93 -7.51 20.92 16.47
N LYS B 94 -6.84 21.56 15.52
CA LYS B 94 -5.67 22.35 15.88
C LYS B 94 -6.08 23.44 16.88
N LYS B 95 -7.14 24.16 16.59
CA LYS B 95 -7.59 25.22 17.48
C LYS B 95 -7.95 24.66 18.85
N VAL B 96 -8.58 23.49 18.88
CA VAL B 96 -8.94 22.90 20.16
C VAL B 96 -7.73 22.48 20.99
N PHE B 97 -6.75 21.83 20.36
CA PHE B 97 -5.56 21.42 21.09
C PHE B 97 -4.83 22.65 21.63
N ILE B 98 -4.77 23.71 20.83
CA ILE B 98 -4.13 24.95 21.30
C ILE B 98 -4.93 25.49 22.52
N ALA B 99 -6.25 25.46 22.41
CA ALA B 99 -7.11 25.95 23.49
C ALA B 99 -6.95 25.11 24.76
N LEU B 100 -6.64 23.82 24.59
CA LEU B 100 -6.47 22.94 25.73
C LEU B 100 -5.12 23.11 26.42
N GLY B 101 -4.22 23.90 25.84
CA GLY B 101 -2.93 24.11 26.47
C GLY B 101 -1.72 23.78 25.63
N LEU B 102 -1.91 23.10 24.50
CA LEU B 102 -0.79 22.77 23.63
C LEU B 102 -0.68 23.93 22.65
N ASP B 103 -0.47 25.13 23.16
CA ASP B 103 -0.40 26.29 22.30
C ASP B 103 0.87 26.31 21.45
N GLU B 104 0.79 26.98 20.30
CA GLU B 104 1.89 27.04 19.35
C GLU B 104 3.16 27.60 19.97
N SER B 105 3.04 28.14 21.17
CA SER B 105 4.21 28.66 21.86
C SER B 105 4.95 27.50 22.51
N ARG B 106 4.24 26.40 22.84
CA ARG B 106 4.89 25.27 23.51
C ARG B 106 4.89 23.90 22.79
N ALA B 107 4.20 23.82 21.67
CA ALA B 107 4.15 22.60 20.87
C ALA B 107 4.22 23.02 19.41
N LYS B 108 4.69 22.11 18.56
CA LYS B 108 4.77 22.34 17.11
C LYS B 108 3.65 21.52 16.49
N PHE B 109 2.92 22.09 15.55
CA PHE B 109 1.87 21.33 14.88
C PHE B 109 2.32 21.01 13.46
N VAL B 110 2.07 19.80 13.01
CA VAL B 110 2.41 19.39 11.66
C VAL B 110 1.20 18.73 11.05
N LEU B 111 0.90 19.09 9.80
CA LEU B 111 -0.21 18.47 9.09
C LEU B 111 0.41 17.37 8.23
N GLY B 112 -0.12 16.15 8.33
CA GLY B 112 0.45 15.04 7.57
C GLY B 112 0.73 15.30 6.10
N SER B 113 -0.28 15.83 5.41
CA SER B 113 -0.17 16.10 3.98
C SER B 113 0.96 17.05 3.61
N GLU B 114 1.56 17.70 4.60
CA GLU B 114 2.67 18.62 4.35
C GLU B 114 3.91 17.86 3.88
N TYR B 115 4.04 16.60 4.28
CA TYR B 115 5.21 15.84 3.88
C TYR B 115 4.92 14.40 3.44
N GLN B 116 3.73 13.89 3.71
CA GLN B 116 3.45 12.50 3.38
C GLN B 116 3.24 12.18 1.90
N LEU B 117 3.29 13.20 1.06
CA LEU B 117 3.15 12.99 -0.37
C LEU B 117 4.46 13.35 -1.08
N SER B 118 5.50 13.65 -0.32
CA SER B 118 6.80 13.98 -0.90
C SER B 118 7.53 12.74 -1.40
N ARG B 119 8.42 12.93 -2.37
CA ARG B 119 9.17 11.81 -2.96
C ARG B 119 9.92 10.90 -1.97
N ASP B 120 10.70 11.51 -1.08
CA ASP B 120 11.47 10.73 -0.11
C ASP B 120 10.59 9.91 0.81
N TYR B 121 9.49 10.50 1.24
CA TYR B 121 8.56 9.80 2.14
C TYR B 121 7.88 8.67 1.39
N VAL B 122 7.37 8.96 0.20
CA VAL B 122 6.68 7.95 -0.61
C VAL B 122 7.61 6.77 -0.94
N LEU B 123 8.88 7.06 -1.22
CA LEU B 123 9.82 5.98 -1.49
C LEU B 123 9.97 5.09 -0.25
N ASP B 124 10.00 5.70 0.93
CA ASP B 124 10.13 4.93 2.16
C ASP B 124 8.89 4.08 2.38
N VAL B 125 7.73 4.60 1.98
CA VAL B 125 6.49 3.82 2.13
C VAL B 125 6.61 2.54 1.30
N LEU B 126 7.15 2.66 0.08
CA LEU B 126 7.31 1.51 -0.80
C LEU B 126 8.33 0.53 -0.21
N LYS B 127 9.39 1.05 0.39
CA LYS B 127 10.39 0.20 1.01
C LYS B 127 9.80 -0.51 2.23
N MET B 128 9.00 0.22 3.01
CA MET B 128 8.38 -0.37 4.19
C MET B 128 7.36 -1.43 3.76
N ALA B 129 6.65 -1.16 2.67
CA ALA B 129 5.65 -2.12 2.18
C ALA B 129 6.32 -3.40 1.72
N ARG B 130 7.52 -3.25 1.18
CA ARG B 130 8.31 -4.38 0.67
C ARG B 130 8.79 -5.34 1.75
N ILE B 131 9.02 -4.83 2.96
CA ILE B 131 9.50 -5.69 4.04
C ILE B 131 8.46 -5.96 5.12
N THR B 132 7.24 -5.49 4.92
CA THR B 132 6.19 -5.74 5.91
C THR B 132 5.14 -6.70 5.34
N THR B 133 4.88 -7.80 6.02
CA THR B 133 3.89 -8.75 5.51
C THR B 133 2.48 -8.19 5.64
N LEU B 134 1.61 -8.57 4.70
CA LEU B 134 0.24 -8.11 4.78
C LEU B 134 -0.34 -8.56 6.11
N ASN B 135 0.02 -9.77 6.52
CA ASN B 135 -0.50 -10.30 7.77
C ASN B 135 -0.14 -9.42 8.98
N ARG B 136 1.12 -8.99 9.06
CA ARG B 136 1.52 -8.14 10.18
C ARG B 136 0.84 -6.78 10.12
N ALA B 137 0.74 -6.23 8.91
CA ALA B 137 0.10 -4.92 8.76
C ALA B 137 -1.38 -5.00 9.18
N ARG B 138 -2.06 -6.03 8.69
CA ARG B 138 -3.48 -6.22 9.03
C ARG B 138 -3.66 -6.40 10.55
N ARG B 139 -2.83 -7.24 11.17
CA ARG B 139 -2.92 -7.47 12.59
C ARG B 139 -2.67 -6.20 13.38
N SER B 140 -1.74 -5.36 12.92
CA SER B 140 -1.44 -4.12 13.63
C SER B 140 -2.63 -3.16 13.65
N MET B 141 -3.52 -3.31 12.67
CA MET B 141 -4.67 -2.44 12.55
C MET B 141 -5.93 -2.98 13.24
N ASP B 142 -5.78 -4.10 13.95
CA ASP B 142 -6.91 -4.72 14.67
C ASP B 142 -7.73 -3.75 15.50
N GLU B 143 -7.07 -2.96 16.34
CA GLU B 143 -7.74 -2.00 17.19
C GLU B 143 -7.73 -0.57 16.66
N VAL B 144 -7.30 -0.39 15.41
CA VAL B 144 -7.22 0.93 14.80
C VAL B 144 -8.16 1.15 13.61
N SER B 145 -8.20 0.16 12.74
CA SER B 145 -9.01 0.24 11.53
C SER B 145 -10.50 0.41 11.76
N ARG B 146 -11.17 1.05 10.81
CA ARG B 146 -12.61 1.27 10.88
C ARG B 146 -13.30 -0.03 10.46
N ARG B 147 -12.62 -0.77 9.58
CA ARG B 147 -13.12 -2.05 9.07
C ARG B 147 -12.33 -3.24 9.60
N LYS B 148 -12.92 -3.98 10.54
CA LYS B 148 -12.27 -5.17 11.09
C LYS B 148 -11.95 -6.11 9.93
N GLU B 149 -12.97 -6.73 9.33
CA GLU B 149 -12.73 -7.58 8.16
C GLU B 149 -13.15 -6.78 6.95
N ASP B 150 -12.74 -7.25 5.78
CA ASP B 150 -13.02 -6.58 4.53
C ASP B 150 -12.45 -5.16 4.56
N PRO B 151 -11.20 -5.01 5.05
CA PRO B 151 -10.61 -3.66 5.08
C PRO B 151 -10.25 -3.23 3.66
N MET B 152 -9.98 -1.93 3.50
CA MET B 152 -9.59 -1.41 2.20
C MET B 152 -8.06 -1.49 2.15
N VAL B 153 -7.50 -1.40 0.95
CA VAL B 153 -6.04 -1.46 0.82
C VAL B 153 -5.47 -0.27 1.58
N SER B 154 -6.21 0.84 1.60
CA SER B 154 -5.76 2.05 2.29
C SER B 154 -5.46 1.79 3.75
N GLN B 155 -6.20 0.87 4.39
CA GLN B 155 -5.97 0.57 5.79
C GLN B 155 -4.73 -0.30 6.06
N MET B 156 -4.19 -0.92 5.02
CA MET B 156 -2.99 -1.73 5.14
C MET B 156 -1.76 -0.82 4.91
N ILE B 157 -1.98 0.29 4.22
CA ILE B 157 -0.91 1.26 3.97
C ILE B 157 -0.72 2.11 5.23
N TYR B 158 -1.83 2.39 5.88
CA TYR B 158 -1.89 3.20 7.10
C TYR B 158 -0.78 2.95 8.16
N PRO B 159 -0.63 1.70 8.65
CA PRO B 159 0.42 1.46 9.65
C PRO B 159 1.84 1.71 9.16
N LEU B 160 2.09 1.45 7.88
CA LEU B 160 3.43 1.69 7.33
C LEU B 160 3.75 3.19 7.43
N MET B 161 2.76 4.02 7.10
CA MET B 161 2.95 5.47 7.15
C MET B 161 3.10 5.97 8.58
N GLN B 162 2.35 5.40 9.53
CA GLN B 162 2.47 5.83 10.93
C GLN B 162 3.90 5.52 11.42
N ALA B 163 4.42 4.34 11.06
CA ALA B 163 5.75 3.98 11.48
C ALA B 163 6.75 4.99 10.87
N LEU B 164 6.58 5.30 9.59
CA LEU B 164 7.50 6.25 8.91
C LEU B 164 7.39 7.67 9.43
N ASP B 165 6.22 8.07 9.95
CA ASP B 165 6.09 9.42 10.49
C ASP B 165 7.12 9.62 11.61
N ILE B 166 7.35 8.55 12.37
CA ILE B 166 8.31 8.62 13.47
C ILE B 166 9.70 9.04 12.93
N ALA B 167 10.15 8.39 11.85
CA ALA B 167 11.45 8.71 11.26
C ALA B 167 11.49 10.07 10.57
N HIS B 168 10.48 10.36 9.78
CA HIS B 168 10.46 11.63 9.05
C HIS B 168 10.25 12.85 9.92
N LEU B 169 9.64 12.68 11.09
CA LEU B 169 9.43 13.82 12.00
C LEU B 169 10.59 13.95 12.98
N GLY B 170 11.58 13.06 12.85
CA GLY B 170 12.74 13.09 13.73
C GLY B 170 12.38 12.82 15.17
N VAL B 171 11.39 11.97 15.36
CA VAL B 171 10.92 11.61 16.69
C VAL B 171 11.75 10.56 17.39
N ASP B 172 12.03 10.81 18.67
CA ASP B 172 12.79 9.89 19.52
C ASP B 172 11.84 9.05 20.39
N LEU B 173 10.71 9.65 20.75
CA LEU B 173 9.73 8.97 21.63
C LEU B 173 8.34 9.07 21.04
N ALA B 174 7.76 7.93 20.68
CA ALA B 174 6.41 7.90 20.09
C ALA B 174 5.44 7.67 21.23
N VAL B 175 4.43 8.54 21.32
CA VAL B 175 3.45 8.46 22.39
C VAL B 175 2.11 8.10 21.79
N GLY B 176 1.39 7.18 22.42
CA GLY B 176 0.07 6.85 21.90
C GLY B 176 -0.65 5.91 22.85
N GLY B 177 -1.94 5.68 22.60
CA GLY B 177 -2.67 4.77 23.44
C GLY B 177 -2.13 3.37 23.25
N ILE B 178 -2.33 2.49 24.22
CA ILE B 178 -1.85 1.13 24.15
C ILE B 178 -2.37 0.41 22.90
N ASP B 179 -3.46 0.90 22.32
CA ASP B 179 -3.98 0.27 21.11
C ASP B 179 -3.06 0.50 19.91
N GLN B 180 -2.09 1.39 20.04
CA GLN B 180 -1.13 1.65 18.97
C GLN B 180 0.10 0.72 19.12
N ARG B 181 0.13 -0.11 20.16
CA ARG B 181 1.29 -0.96 20.40
C ARG B 181 1.81 -1.79 19.24
N LYS B 182 0.92 -2.43 18.49
CA LYS B 182 1.36 -3.25 17.37
C LYS B 182 1.99 -2.43 16.26
N ILE B 183 1.45 -1.24 16.01
CA ILE B 183 2.04 -0.38 14.98
C ILE B 183 3.41 0.06 15.47
N HIS B 184 3.53 0.36 16.77
CA HIS B 184 4.81 0.78 17.31
C HIS B 184 5.83 -0.34 17.29
N MET B 185 5.40 -1.58 17.53
CA MET B 185 6.36 -2.68 17.47
C MET B 185 6.84 -2.86 16.02
N LEU B 186 5.93 -2.62 15.07
CA LEU B 186 6.27 -2.73 13.66
C LEU B 186 7.33 -1.68 13.36
N ALA B 187 7.15 -0.49 13.91
CA ALA B 187 8.10 0.60 13.71
C ALA B 187 9.46 0.26 14.32
N ARG B 188 9.46 -0.27 15.54
CA ARG B 188 10.72 -0.59 16.20
C ARG B 188 11.52 -1.62 15.45
N GLU B 189 10.82 -2.56 14.81
CA GLU B 189 11.53 -3.59 14.09
C GLU B 189 11.93 -3.22 12.67
N ASN B 190 11.04 -2.53 11.96
CA ASN B 190 11.33 -2.22 10.57
C ASN B 190 12.05 -0.92 10.26
N LEU B 191 11.86 0.12 11.08
CA LEU B 191 12.55 1.39 10.84
C LEU B 191 14.08 1.16 10.74
N PRO B 192 14.66 0.35 11.64
CA PRO B 192 16.11 0.10 11.57
C PRO B 192 16.51 -0.59 10.27
N ARG B 193 15.61 -1.39 9.70
CA ARG B 193 15.89 -2.09 8.45
C ARG B 193 15.94 -1.09 7.31
N LEU B 194 15.36 0.08 7.52
CA LEU B 194 15.39 1.13 6.51
C LEU B 194 16.49 2.13 6.86
N GLY B 195 17.27 1.82 7.89
CA GLY B 195 18.36 2.71 8.27
C GLY B 195 18.01 3.78 9.28
N TYR B 196 16.82 3.71 9.88
CA TYR B 196 16.41 4.69 10.88
C TYR B 196 16.50 4.13 12.29
N SER B 197 16.49 5.02 13.26
CA SER B 197 16.58 4.60 14.64
C SER B 197 15.28 3.96 15.16
N SER B 198 15.40 3.09 16.14
CA SER B 198 14.24 2.45 16.74
C SER B 198 13.72 3.42 17.81
N PRO B 199 12.46 3.83 17.72
CA PRO B 199 11.95 4.77 18.71
C PRO B 199 11.61 4.19 20.07
N VAL B 200 11.70 5.03 21.09
CA VAL B 200 11.28 4.61 22.42
C VAL B 200 9.76 4.82 22.29
N CYS B 201 8.97 3.96 22.92
CA CYS B 201 7.53 4.10 22.83
C CYS B 201 6.93 4.22 24.24
N LEU B 202 5.95 5.10 24.38
CA LEU B 202 5.27 5.28 25.65
C LEU B 202 3.79 5.13 25.36
N HIS B 203 3.16 4.16 26.03
CA HIS B 203 1.75 3.89 25.82
C HIS B 203 0.89 4.27 27.00
N THR B 204 -0.19 4.99 26.71
CA THR B 204 -1.13 5.42 27.73
C THR B 204 -2.29 4.42 27.73
N PRO B 205 -2.96 4.26 28.88
CA PRO B 205 -4.07 3.30 28.91
C PRO B 205 -5.27 3.80 28.11
N ILE B 206 -6.15 2.89 27.74
CA ILE B 206 -7.36 3.28 27.03
C ILE B 206 -8.34 3.67 28.13
N LEU B 207 -8.84 4.90 28.09
CA LEU B 207 -9.76 5.40 29.09
C LEU B 207 -11.14 4.79 28.89
N VAL B 208 -11.70 4.19 29.94
CA VAL B 208 -13.03 3.60 29.81
C VAL B 208 -14.06 4.72 29.79
N GLY B 209 -15.22 4.45 29.20
CA GLY B 209 -16.27 5.43 29.13
C GLY B 209 -16.88 5.69 30.50
N LEU B 210 -17.79 6.66 30.56
CA LEU B 210 -18.42 7.07 31.81
C LEU B 210 -19.30 6.01 32.45
N ASP B 211 -19.71 5.01 31.68
CA ASP B 211 -20.55 3.94 32.25
C ASP B 211 -19.62 2.76 32.58
N GLY B 212 -18.32 3.02 32.47
CA GLY B 212 -17.33 2.01 32.77
C GLY B 212 -17.07 1.07 31.61
N GLN B 213 -17.75 1.29 30.50
CA GLN B 213 -17.57 0.44 29.32
C GLN B 213 -16.86 1.21 28.20
N LYS B 214 -16.60 0.53 27.08
CA LYS B 214 -15.89 1.17 25.97
C LYS B 214 -16.58 2.41 25.47
N MET B 215 -15.82 3.50 25.31
CA MET B 215 -16.41 4.74 24.82
C MET B 215 -17.03 4.49 23.45
N SER B 216 -18.23 5.00 23.24
CA SER B 216 -18.91 4.84 21.96
C SER B 216 -19.77 6.06 21.64
N SER B 217 -19.69 6.51 20.41
CA SER B 217 -20.48 7.67 19.97
C SER B 217 -21.97 7.34 20.09
N SER B 218 -22.30 6.06 19.95
CA SER B 218 -23.69 5.62 20.05
C SER B 218 -24.25 5.86 21.45
N LYS B 219 -23.43 5.60 22.47
CA LYS B 219 -23.85 5.77 23.86
C LYS B 219 -23.72 7.18 24.36
N GLY B 220 -22.65 7.86 23.95
CA GLY B 220 -22.41 9.21 24.42
C GLY B 220 -21.85 9.10 25.83
N ASN B 221 -21.21 7.97 26.13
CA ASN B 221 -20.64 7.70 27.44
C ASN B 221 -19.23 8.30 27.58
N TYR B 222 -19.13 9.60 27.32
CA TYR B 222 -17.85 10.28 27.41
C TYR B 222 -18.10 11.78 27.46
N ILE B 223 -17.10 12.52 27.93
CA ILE B 223 -17.22 13.97 27.98
C ILE B 223 -16.43 14.58 26.82
N SER B 224 -17.11 15.44 26.07
CA SER B 224 -16.53 16.13 24.93
C SER B 224 -16.14 17.54 25.35
N VAL B 225 -15.12 18.11 24.71
CA VAL B 225 -14.69 19.45 25.09
C VAL B 225 -15.80 20.48 24.86
N ARG B 226 -16.75 20.16 24.00
CA ARG B 226 -17.84 21.09 23.75
C ARG B 226 -19.05 20.94 24.68
N ASP B 227 -19.02 19.96 25.57
CA ASP B 227 -20.15 19.79 26.50
C ASP B 227 -20.24 20.99 27.45
N PRO B 228 -21.43 21.60 27.57
CA PRO B 228 -21.61 22.75 28.47
C PRO B 228 -21.48 22.27 29.92
N PRO B 229 -21.27 23.21 30.86
CA PRO B 229 -21.13 22.86 32.27
C PRO B 229 -22.20 21.96 32.85
N GLU B 230 -23.47 22.28 32.61
CA GLU B 230 -24.54 21.46 33.17
C GLU B 230 -24.57 20.05 32.59
N GLU B 231 -24.09 19.88 31.36
CA GLU B 231 -24.07 18.56 30.72
C GLU B 231 -22.92 17.76 31.33
N VAL B 232 -21.79 18.42 31.59
CA VAL B 232 -20.67 17.73 32.23
C VAL B 232 -21.14 17.28 33.62
N GLU B 233 -21.83 18.15 34.35
CA GLU B 233 -22.33 17.80 35.67
C GLU B 233 -23.32 16.65 35.58
N ARG B 234 -24.19 16.68 34.59
CA ARG B 234 -25.19 15.62 34.41
C ARG B 234 -24.51 14.29 34.11
N LYS B 235 -23.54 14.31 33.20
CA LYS B 235 -22.82 13.10 32.84
C LYS B 235 -21.99 12.55 34.00
N ILE B 236 -21.38 13.42 34.80
CA ILE B 236 -20.58 12.94 35.92
C ILE B 236 -21.48 12.38 37.03
N ARG B 237 -22.60 13.06 37.29
CA ARG B 237 -23.51 12.61 38.34
C ARG B 237 -24.02 11.20 38.07
N LYS B 238 -24.34 10.95 36.80
CA LYS B 238 -24.86 9.66 36.35
C LYS B 238 -23.79 8.59 36.10
N ALA B 239 -22.52 8.97 36.11
CA ALA B 239 -21.43 8.04 35.81
C ALA B 239 -21.17 6.87 36.76
N TYR B 240 -20.64 5.81 36.16
CA TYR B 240 -20.25 4.62 36.91
C TYR B 240 -19.14 5.07 37.86
N CYS B 241 -19.34 4.80 39.15
CA CYS B 241 -18.34 5.16 40.17
C CYS B 241 -18.60 4.21 41.32
N PRO B 242 -18.24 2.93 41.15
CA PRO B 242 -18.44 1.91 42.19
C PRO B 242 -17.77 2.22 43.50
N ALA B 243 -18.59 2.33 44.55
CA ALA B 243 -18.08 2.64 45.89
C ALA B 243 -16.96 1.69 46.29
N GLY B 244 -15.88 2.27 46.81
CA GLY B 244 -14.73 1.50 47.27
C GLY B 244 -13.88 0.84 46.19
N VAL B 245 -14.27 0.97 44.93
CA VAL B 245 -13.52 0.34 43.85
C VAL B 245 -12.77 1.37 43.01
N VAL B 246 -11.46 1.17 42.89
CA VAL B 246 -10.61 2.10 42.16
C VAL B 246 -10.26 1.78 40.70
N GLU B 247 -9.93 0.53 40.40
CA GLU B 247 -9.53 0.15 39.04
C GLU B 247 -10.56 0.43 37.95
N GLU B 248 -10.16 1.25 36.99
CA GLU B 248 -11.00 1.65 35.88
C GLU B 248 -12.32 2.29 36.33
N ASN B 249 -12.29 2.93 37.49
CA ASN B 249 -13.43 3.68 38.02
C ASN B 249 -13.29 4.99 37.21
N PRO B 250 -14.23 5.27 36.29
CA PRO B 250 -14.27 6.44 35.41
C PRO B 250 -14.03 7.80 36.06
N ILE B 251 -14.63 8.02 37.22
CA ILE B 251 -14.49 9.29 37.93
C ILE B 251 -13.12 9.39 38.58
N LEU B 252 -12.68 8.32 39.24
CA LEU B 252 -11.34 8.36 39.84
C LEU B 252 -10.32 8.50 38.71
N ASP B 253 -10.59 7.90 37.55
CA ASP B 253 -9.67 8.01 36.42
C ASP B 253 -9.53 9.47 35.93
N ILE B 254 -10.61 10.23 35.97
CA ILE B 254 -10.52 11.63 35.55
C ILE B 254 -9.63 12.39 36.54
N ALA B 255 -9.75 12.08 37.82
CA ALA B 255 -8.92 12.74 38.84
C ALA B 255 -7.45 12.36 38.61
N LYS B 256 -7.23 11.08 38.37
CA LYS B 256 -5.91 10.54 38.16
C LYS B 256 -5.19 11.04 36.92
N TYR B 257 -5.91 10.99 35.80
CA TYR B 257 -5.30 11.36 34.52
C TYR B 257 -5.39 12.80 34.08
N HIS B 258 -6.45 13.50 34.46
CA HIS B 258 -6.61 14.87 34.00
C HIS B 258 -6.47 15.96 35.05
N ILE B 259 -7.05 15.74 36.23
CA ILE B 259 -7.02 16.76 37.26
C ILE B 259 -5.75 16.88 38.08
N LEU B 260 -5.32 15.78 38.72
CA LEU B 260 -4.11 15.84 39.53
C LEU B 260 -2.89 16.25 38.71
N PRO B 261 -2.69 15.67 37.53
CA PRO B 261 -1.53 16.08 36.73
C PRO B 261 -1.52 17.57 36.38
N ARG B 262 -2.70 18.10 36.07
CA ARG B 262 -2.84 19.49 35.66
C ARG B 262 -2.87 20.53 36.78
N PHE B 263 -3.64 20.27 37.82
CA PHE B 263 -3.74 21.23 38.93
C PHE B 263 -2.75 20.93 40.05
N GLY B 264 -2.14 19.76 40.00
CA GLY B 264 -1.17 19.36 41.02
C GLY B 264 -1.81 18.94 42.33
N LYS B 265 -3.10 19.21 42.46
CA LYS B 265 -3.82 18.88 43.67
C LYS B 265 -5.31 18.89 43.38
N ILE B 266 -6.10 18.22 44.21
CA ILE B 266 -7.53 18.23 44.02
C ILE B 266 -8.22 18.39 45.36
N VAL B 267 -8.96 19.48 45.50
CA VAL B 267 -9.70 19.78 46.72
C VAL B 267 -11.10 19.20 46.62
N VAL B 268 -11.48 18.39 47.59
CA VAL B 268 -12.81 17.82 47.60
C VAL B 268 -13.57 18.38 48.79
N GLU B 269 -14.67 19.06 48.52
CA GLU B 269 -15.45 19.64 49.60
C GLU B 269 -16.23 18.56 50.33
N ARG B 270 -16.24 18.67 51.65
CA ARG B 270 -16.96 17.74 52.50
C ARG B 270 -17.50 18.53 53.67
N ASP B 271 -18.64 18.10 54.22
CA ASP B 271 -19.21 18.80 55.37
C ASP B 271 -18.42 18.40 56.62
N ALA B 272 -18.49 19.27 57.62
CA ALA B 272 -17.81 19.11 58.91
C ALA B 272 -18.58 18.18 59.84
N GLY B 276 -15.39 19.26 56.54
CA GLY B 276 -14.13 18.54 56.49
C GLY B 276 -13.54 18.50 55.09
N ASP B 277 -13.32 19.67 54.50
CA ASP B 277 -12.73 19.75 53.16
C ASP B 277 -11.34 19.13 53.17
N VAL B 278 -11.05 18.32 52.16
CA VAL B 278 -9.74 17.67 52.08
C VAL B 278 -9.02 17.97 50.78
N GLU B 279 -7.71 18.19 50.90
CA GLU B 279 -6.86 18.48 49.75
C GLU B 279 -5.99 17.27 49.48
N TYR B 280 -6.07 16.71 48.28
CA TYR B 280 -5.25 15.57 47.95
C TYR B 280 -4.13 16.03 47.05
N ALA B 281 -2.91 15.64 47.39
CA ALA B 281 -1.73 16.01 46.62
C ALA B 281 -1.26 14.86 45.75
N SER B 282 -1.80 13.67 45.98
CA SER B 282 -1.41 12.52 45.21
C SER B 282 -2.60 11.61 44.94
N PHE B 283 -2.56 10.89 43.83
CA PHE B 283 -3.66 10.00 43.52
C PHE B 283 -3.67 8.85 44.51
N GLU B 284 -2.50 8.49 45.00
CA GLU B 284 -2.40 7.40 45.98
C GLU B 284 -3.21 7.73 47.22
N GLU B 285 -3.12 8.98 47.68
CA GLU B 285 -3.87 9.40 48.87
C GLU B 285 -5.37 9.38 48.57
N LEU B 286 -5.72 9.90 47.39
CA LEU B 286 -7.11 9.95 46.96
C LEU B 286 -7.71 8.56 46.86
N ALA B 287 -6.99 7.65 46.23
CA ALA B 287 -7.44 6.28 46.05
C ALA B 287 -7.57 5.55 47.37
N GLU B 288 -6.62 5.81 48.27
CA GLU B 288 -6.65 5.16 49.57
C GLU B 288 -7.93 5.54 50.31
N ASP B 289 -8.27 6.82 50.27
CA ASP B 289 -9.48 7.29 50.94
C ASP B 289 -10.74 6.77 50.28
N PHE B 290 -10.67 6.56 48.96
CA PHE B 290 -11.82 6.06 48.25
C PHE B 290 -12.05 4.59 48.62
N LYS B 291 -10.98 3.81 48.64
CA LYS B 291 -11.09 2.39 48.95
C LYS B 291 -11.58 2.15 50.38
N SER B 292 -11.22 3.05 51.29
CA SER B 292 -11.62 2.91 52.69
C SER B 292 -13.03 3.41 52.97
N GLY B 293 -13.53 4.30 52.10
CA GLY B 293 -14.86 4.83 52.32
C GLY B 293 -14.81 6.23 52.91
N GLN B 294 -13.60 6.70 53.20
CA GLN B 294 -13.40 8.03 53.76
C GLN B 294 -13.83 9.07 52.72
N LEU B 295 -13.70 8.72 51.44
CA LEU B 295 -14.08 9.62 50.36
C LEU B 295 -15.30 9.01 49.67
N HIS B 296 -16.44 9.68 49.77
CA HIS B 296 -17.67 9.18 49.17
C HIS B 296 -17.74 9.56 47.69
N PRO B 297 -18.31 8.70 46.86
CA PRO B 297 -18.43 8.95 45.42
C PRO B 297 -19.09 10.29 45.08
N LEU B 298 -20.12 10.65 45.84
CA LEU B 298 -20.81 11.90 45.58
C LEU B 298 -19.89 13.09 45.76
N ASP B 299 -19.13 13.11 46.84
CA ASP B 299 -18.22 14.21 47.09
C ASP B 299 -17.14 14.27 46.00
N LEU B 300 -16.63 13.12 45.62
CA LEU B 300 -15.61 13.07 44.57
C LEU B 300 -16.18 13.57 43.24
N LYS B 301 -17.40 13.12 42.90
CA LYS B 301 -18.04 13.54 41.66
C LYS B 301 -18.22 15.05 41.57
N ILE B 302 -18.67 15.66 42.66
CA ILE B 302 -18.87 17.10 42.65
C ILE B 302 -17.55 17.83 42.38
N ALA B 303 -16.48 17.36 43.02
CA ALA B 303 -15.16 17.99 42.83
C ALA B 303 -14.63 17.76 41.41
N VAL B 304 -14.79 16.55 40.90
CA VAL B 304 -14.31 16.21 39.56
C VAL B 304 -15.05 17.06 38.53
N ALA B 305 -16.36 17.20 38.69
CA ALA B 305 -17.13 18.00 37.74
C ALA B 305 -16.66 19.44 37.81
N LYS B 306 -16.43 19.94 39.01
CA LYS B 306 -15.96 21.31 39.20
C LYS B 306 -14.64 21.57 38.47
N TYR B 307 -13.65 20.71 38.69
CA TYR B 307 -12.35 20.87 38.03
C TYR B 307 -12.39 20.68 36.53
N LEU B 308 -13.17 19.71 36.08
CA LEU B 308 -13.27 19.47 34.66
C LEU B 308 -13.93 20.68 33.99
N ASN B 309 -14.92 21.27 34.66
CA ASN B 309 -15.59 22.43 34.10
C ASN B 309 -14.63 23.63 34.02
N MET B 310 -13.76 23.76 35.01
CA MET B 310 -12.78 24.85 34.97
C MET B 310 -11.91 24.65 33.74
N LEU B 311 -11.43 23.43 33.55
CA LEU B 311 -10.59 23.12 32.40
C LEU B 311 -11.30 23.39 31.07
N LEU B 312 -12.50 22.87 30.93
CA LEU B 312 -13.21 23.05 29.66
C LEU B 312 -13.69 24.49 29.43
N GLU B 313 -14.10 25.16 30.50
CA GLU B 313 -14.58 26.53 30.37
C GLU B 313 -13.43 27.40 29.91
N ASP B 314 -12.26 27.18 30.50
CA ASP B 314 -11.09 27.97 30.12
C ASP B 314 -10.73 27.68 28.67
N ALA B 315 -10.81 26.42 28.27
CA ALA B 315 -10.48 26.05 26.90
C ALA B 315 -11.45 26.71 25.92
N ARG B 316 -12.74 26.67 26.22
CA ARG B 316 -13.70 27.30 25.32
C ARG B 316 -13.46 28.80 25.22
N LYS B 317 -13.04 29.43 26.31
CA LYS B 317 -12.75 30.86 26.29
C LYS B 317 -11.55 31.14 25.37
N ARG B 318 -10.54 30.28 25.45
CA ARG B 318 -9.35 30.44 24.61
C ARG B 318 -9.70 30.13 23.16
N LEU B 319 -10.64 29.21 22.96
CA LEU B 319 -11.05 28.81 21.63
C LEU B 319 -11.79 29.95 20.93
N GLY B 320 -12.51 30.74 21.72
CA GLY B 320 -13.24 31.86 21.16
C GLY B 320 -14.72 31.56 20.98
#